data_9KPP
#
_entry.id   9KPP
#
_cell.length_a   39.150
_cell.length_b   52.960
_cell.length_c   54.020
_cell.angle_alpha   117.68
_cell.angle_beta   104.06
_cell.angle_gamma   93.26
#
_symmetry.space_group_name_H-M   'P 1'
#
loop_
_entity.id
_entity.type
_entity.pdbx_description
1 polymer 'Cytochrome P450'
2 non-polymer 'PROTOPORPHYRIN IX CONTAINING FE'
3 water water
#
_entity_poly.entity_id   1
_entity_poly.type   'polypeptide(L)'
_entity_poly.pdbx_seq_one_letter_code
;DSAIFTPRPDGSPPPEFAERRAGAPLAPVTMPSGDEATLAVRYADVHEVLTSPDFSRAALLAPEAPRILPGEEFGEDPNA
LTNMDPPRHTRIRRVLAGIFSPRHVKEWHPRVAAMTDELVGAVATGERPVDLVETFTLPLPIQIMCELMGVPAADRRKFQ
LWTDMIISSTAFTAEERIGAAGEFTGYVSELIEGRRGTGGDALIDALIEAHEDGERLSEAELVHLTVMLIMAGYETTAGV
LARGLLTLLTTGQYRTLVEEPAVIPTAVEEILRYEAPSDGGLLRMPTKDVRLPSGVVGEGQAVMPSMAAANRDPEVFTDP
ETFDVRRAKCPHLTFGQGAHYCAGANLARHELQVALETLTRRLPDLRLAVEPTEIEWRKGLLLRGPLTVPVTW
;
_entity_poly.pdbx_strand_id   A
#
loop_
_chem_comp.id
_chem_comp.type
_chem_comp.name
_chem_comp.formula
HEM non-polymer 'PROTOPORPHYRIN IX CONTAINING FE' 'C34 H32 Fe N4 O4'
#
# COMPACT_ATOMS: atom_id res chain seq x y z
N ASP A 1 -6.49 0.50 -19.74
CA ASP A 1 -6.20 -0.38 -18.62
C ASP A 1 -4.72 -0.43 -18.25
N SER A 2 -4.46 -0.61 -16.95
CA SER A 2 -3.11 -0.87 -16.46
C SER A 2 -3.06 -2.20 -15.70
N ALA A 3 -3.94 -3.13 -16.05
CA ALA A 3 -3.92 -4.46 -15.46
C ALA A 3 -2.70 -5.24 -15.96
N ILE A 4 -2.29 -6.22 -15.15
CA ILE A 4 -1.09 -7.00 -15.52
C ILE A 4 -1.42 -7.97 -16.63
N PHE A 5 -2.57 -8.64 -16.55
CA PHE A 5 -3.05 -9.46 -17.65
C PHE A 5 -4.44 -8.96 -18.03
N THR A 6 -5.42 -9.84 -18.19
CA THR A 6 -6.78 -9.34 -18.48
C THR A 6 -7.36 -8.66 -17.25
N PRO A 7 -8.07 -7.52 -17.42
CA PRO A 7 -8.68 -6.82 -16.31
C PRO A 7 -9.70 -7.74 -15.70
N ARG A 8 -9.82 -7.65 -14.39
CA ARG A 8 -10.73 -8.58 -13.69
C ARG A 8 -11.84 -7.83 -12.96
N PRO A 9 -13.05 -8.41 -12.90
CA PRO A 9 -14.17 -7.72 -12.25
C PRO A 9 -14.19 -7.84 -10.74
N ASP A 10 -13.28 -8.59 -10.14
CA ASP A 10 -13.29 -8.79 -8.69
C ASP A 10 -11.83 -8.87 -8.23
N GLY A 11 -11.64 -9.30 -6.98
CA GLY A 11 -10.31 -9.37 -6.41
C GLY A 11 -9.58 -10.67 -6.64
N SER A 12 -10.10 -11.55 -7.48
CA SER A 12 -9.46 -12.83 -7.72
C SER A 12 -8.20 -12.64 -8.56
N PRO A 13 -7.21 -13.53 -8.42
CA PRO A 13 -5.97 -13.36 -9.18
C PRO A 13 -6.15 -13.77 -10.62
N PRO A 14 -5.33 -13.23 -11.53
CA PRO A 14 -5.39 -13.73 -12.91
C PRO A 14 -4.86 -15.13 -12.99
N PRO A 15 -5.42 -15.97 -13.87
CA PRO A 15 -4.98 -17.36 -13.95
C PRO A 15 -3.52 -17.52 -14.31
N GLU A 16 -2.91 -16.51 -14.94
CA GLU A 16 -1.50 -16.63 -15.33
C GLU A 16 -0.58 -16.77 -14.12
N PHE A 17 -0.96 -16.28 -12.95
CA PHE A 17 -0.11 -16.48 -11.78
C PHE A 17 0.06 -17.96 -11.46
N ALA A 18 -1.05 -18.69 -11.32
CA ALA A 18 -0.94 -20.12 -11.03
C ALA A 18 -0.26 -20.86 -12.18
N GLU A 19 -0.57 -20.50 -13.43
CA GLU A 19 0.07 -21.13 -14.60
C GLU A 19 1.58 -20.95 -14.56
N ARG A 20 2.01 -19.72 -14.27
CA ARG A 20 3.43 -19.41 -14.22
C ARG A 20 4.10 -20.06 -13.03
N ARG A 21 3.48 -20.04 -11.84
CA ARG A 21 4.10 -20.72 -10.72
C ARG A 21 4.36 -22.19 -11.04
N ALA A 22 3.50 -22.80 -11.87
CA ALA A 22 3.67 -24.22 -12.17
C ALA A 22 4.67 -24.45 -13.30
N GLY A 23 4.59 -23.70 -14.40
CA GLY A 23 5.38 -24.05 -15.56
C GLY A 23 6.21 -22.96 -16.23
N ALA A 24 6.23 -21.76 -15.65
CA ALA A 24 7.06 -20.67 -16.20
C ALA A 24 7.33 -19.65 -15.11
N PRO A 25 8.08 -20.01 -14.06
CA PRO A 25 8.19 -19.12 -12.89
C PRO A 25 8.95 -17.83 -13.14
N LEU A 26 9.85 -17.77 -14.13
CA LEU A 26 10.63 -16.57 -14.43
C LEU A 26 10.56 -16.38 -15.94
N ALA A 27 9.51 -15.71 -16.40
CA ALA A 27 9.30 -15.52 -17.82
C ALA A 27 8.90 -14.07 -18.11
N PRO A 28 9.16 -13.58 -19.33
CA PRO A 28 8.77 -12.20 -19.67
C PRO A 28 7.28 -11.97 -19.52
N VAL A 29 6.94 -10.75 -19.17
CA VAL A 29 5.57 -10.27 -19.22
C VAL A 29 5.60 -8.92 -19.92
N THR A 30 4.61 -8.67 -20.77
CA THR A 30 4.48 -7.34 -21.37
C THR A 30 3.68 -6.46 -20.42
N MET A 31 4.27 -5.37 -20.02
CA MET A 31 3.70 -4.42 -19.08
C MET A 31 2.84 -3.41 -19.83
N PRO A 32 1.96 -2.64 -19.14
CA PRO A 32 1.05 -1.66 -19.81
C PRO A 32 1.82 -0.65 -20.66
N SER A 33 3.08 -0.39 -20.33
CA SER A 33 3.91 0.49 -21.15
C SER A 33 4.25 -0.08 -22.52
N GLY A 34 4.14 -1.39 -22.70
CA GLY A 34 4.69 -2.06 -23.85
C GLY A 34 6.08 -2.62 -23.66
N ASP A 35 6.78 -2.23 -22.59
CA ASP A 35 8.07 -2.81 -22.27
C ASP A 35 7.90 -4.17 -21.60
N GLU A 36 8.96 -4.97 -21.61
CA GLU A 36 8.93 -6.28 -20.99
C GLU A 36 9.79 -6.34 -19.74
N ALA A 37 9.40 -7.23 -18.85
CA ALA A 37 10.17 -7.52 -17.65
C ALA A 37 9.96 -8.99 -17.30
N THR A 38 10.88 -9.52 -16.50
CA THR A 38 10.74 -10.89 -16.02
C THR A 38 9.78 -10.90 -14.82
N LEU A 39 8.68 -11.64 -14.93
CA LEU A 39 7.69 -11.68 -13.85
C LEU A 39 8.03 -12.83 -12.89
N ALA A 40 8.36 -12.47 -11.64
CA ALA A 40 8.58 -13.47 -10.61
C ALA A 40 7.28 -13.68 -9.84
N VAL A 41 6.82 -14.93 -9.76
CA VAL A 41 5.54 -15.25 -9.14
C VAL A 41 5.67 -16.24 -7.98
N ARG A 42 6.70 -17.07 -7.92
CA ARG A 42 6.87 -17.97 -6.80
C ARG A 42 7.46 -17.22 -5.60
N TYR A 43 6.99 -17.58 -4.41
CA TYR A 43 7.43 -16.89 -3.20
C TYR A 43 8.94 -16.94 -3.02
N ALA A 44 9.58 -18.08 -3.28
CA ALA A 44 11.04 -18.14 -3.10
C ALA A 44 11.75 -17.14 -4.00
N ASP A 45 11.27 -16.99 -5.24
CA ASP A 45 11.91 -16.05 -6.17
C ASP A 45 11.62 -14.60 -5.78
N VAL A 46 10.35 -14.28 -5.49
CA VAL A 46 10.00 -12.92 -5.11
C VAL A 46 10.76 -12.49 -3.87
N HIS A 47 10.86 -13.40 -2.89
CA HIS A 47 11.56 -13.05 -1.66
C HIS A 47 13.03 -12.76 -1.93
N GLU A 48 13.66 -13.55 -2.78
CA GLU A 48 15.07 -13.29 -3.12
C GLU A 48 15.23 -12.01 -3.91
N VAL A 49 14.32 -11.74 -4.84
CA VAL A 49 14.40 -10.51 -5.63
C VAL A 49 14.30 -9.29 -4.73
N LEU A 50 13.51 -9.40 -3.66
CA LEU A 50 13.32 -8.25 -2.78
C LEU A 50 14.46 -8.08 -1.77
N THR A 51 15.16 -9.16 -1.43
CA THR A 51 16.15 -9.09 -0.36
C THR A 51 17.59 -9.11 -0.83
N SER A 52 17.85 -9.48 -2.07
CA SER A 52 19.23 -9.59 -2.54
C SER A 52 19.85 -8.21 -2.76
N PRO A 53 21.11 -8.02 -2.38
CA PRO A 53 21.79 -6.73 -2.65
C PRO A 53 22.17 -6.55 -4.11
N ASP A 54 21.98 -7.57 -4.93
CA ASP A 54 22.39 -7.56 -6.32
C ASP A 54 21.32 -6.99 -7.25
N PHE A 55 20.32 -6.29 -6.69
CA PHE A 55 19.32 -5.59 -7.49
C PHE A 55 19.34 -4.10 -7.17
N SER A 56 19.02 -3.29 -8.17
CA SER A 56 19.00 -1.84 -8.04
C SER A 56 17.60 -1.30 -8.32
N ARG A 57 17.21 -0.28 -7.57
CA ARG A 57 16.02 0.51 -7.89
C ARG A 57 16.38 1.76 -8.68
N ALA A 58 17.51 2.39 -8.35
CA ALA A 58 17.84 3.66 -8.98
C ALA A 58 18.14 3.45 -10.46
N ALA A 59 18.56 2.24 -10.84
CA ALA A 59 18.83 1.96 -12.25
C ALA A 59 17.60 2.08 -13.12
N LEU A 60 16.39 1.97 -12.56
CA LEU A 60 15.21 2.11 -13.40
C LEU A 60 14.94 3.55 -13.81
N LEU A 61 15.69 4.51 -13.28
CA LEU A 61 15.53 5.94 -13.69
C LEU A 61 16.33 6.20 -14.98
N ALA A 62 17.25 5.30 -15.32
CA ALA A 62 18.02 5.44 -16.58
C ALA A 62 17.07 5.54 -17.79
N PRO A 63 17.44 6.31 -18.82
CA PRO A 63 16.55 6.52 -19.95
C PRO A 63 16.09 5.27 -20.70
N GLU A 64 16.94 4.26 -20.80
CA GLU A 64 16.59 3.08 -21.64
C GLU A 64 15.97 1.97 -20.80
N ALA A 65 15.85 2.17 -19.49
CA ALA A 65 15.30 1.15 -18.59
C ALA A 65 13.81 0.91 -18.86
N PRO A 66 13.33 -0.32 -18.65
CA PRO A 66 11.91 -0.57 -18.78
C PRO A 66 11.06 0.19 -17.78
N ARG A 67 9.87 0.59 -18.22
CA ARG A 67 8.92 1.28 -17.34
C ARG A 67 7.65 0.41 -17.24
N ILE A 68 6.91 0.55 -16.14
CA ILE A 68 5.72 -0.27 -15.96
C ILE A 68 4.55 0.31 -16.72
N LEU A 69 4.40 1.64 -16.67
CA LEU A 69 3.28 2.37 -17.23
C LEU A 69 3.74 3.32 -18.33
N PRO A 70 2.89 3.63 -19.31
CA PRO A 70 3.30 4.52 -20.40
C PRO A 70 3.24 5.99 -19.99
N GLY A 71 4.28 6.74 -20.34
CA GLY A 71 4.44 8.11 -19.90
C GLY A 71 5.60 8.26 -18.92
N GLU A 72 5.81 9.51 -18.47
CA GLU A 72 6.89 9.84 -17.54
C GLU A 72 6.27 10.38 -16.25
N GLU A 73 5.90 9.45 -15.36
CA GLU A 73 5.10 9.76 -14.19
C GLU A 73 6.03 10.18 -13.06
N PHE A 74 5.48 10.23 -11.85
CA PHE A 74 6.19 10.65 -10.65
C PHE A 74 7.08 9.66 -9.91
N GLY A 75 7.09 8.39 -10.35
CA GLY A 75 8.01 7.42 -9.81
C GLY A 75 9.35 7.52 -10.49
N GLU A 76 9.58 8.66 -11.16
CA GLU A 76 10.87 8.95 -11.76
C GLU A 76 11.61 10.03 -10.99
N ASP A 77 11.04 10.51 -9.90
CA ASP A 77 11.70 11.52 -9.09
C ASP A 77 12.91 10.89 -8.43
N PRO A 78 14.13 11.36 -8.71
CA PRO A 78 15.31 10.77 -8.06
C PRO A 78 15.36 11.02 -6.57
N ASN A 79 14.50 11.89 -6.03
CA ASN A 79 14.45 12.15 -4.61
C ASN A 79 13.35 11.35 -3.90
N ALA A 80 12.74 10.39 -4.60
CA ALA A 80 11.78 9.47 -3.98
C ALA A 80 12.54 8.31 -3.36
N LEU A 81 12.17 7.96 -2.12
CA LEU A 81 12.88 6.90 -1.43
C LEU A 81 12.84 5.58 -2.21
N THR A 82 11.72 5.28 -2.87
CA THR A 82 11.60 4.02 -3.59
C THR A 82 12.50 3.96 -4.80
N ASN A 83 13.10 5.08 -5.20
CA ASN A 83 13.99 5.14 -6.35
C ASN A 83 15.45 5.27 -5.97
N MET A 84 15.80 4.97 -4.71
CA MET A 84 17.15 5.09 -4.21
C MET A 84 17.77 3.73 -3.90
N ASP A 85 19.10 3.66 -4.00
CA ASP A 85 19.96 2.56 -3.58
C ASP A 85 20.84 3.00 -2.42
N PRO A 86 21.49 2.05 -1.71
CA PRO A 86 22.52 2.42 -0.74
C PRO A 86 23.65 3.12 -1.50
N PRO A 87 24.41 4.05 -0.88
CA PRO A 87 24.28 4.40 0.57
C PRO A 87 23.17 5.41 0.88
N ARG A 88 22.69 6.14 -0.12
CA ARG A 88 21.69 7.18 0.14
C ARG A 88 20.44 6.58 0.77
N HIS A 89 19.97 5.45 0.24
CA HIS A 89 18.77 4.81 0.78
C HIS A 89 18.98 4.41 2.23
N THR A 90 20.18 3.91 2.54
CA THR A 90 20.52 3.49 3.91
C THR A 90 20.34 4.63 4.89
N ARG A 91 20.84 5.81 4.53
CA ARG A 91 20.73 6.96 5.43
C ARG A 91 19.27 7.29 5.73
N ILE A 92 18.44 7.36 4.69
CA ILE A 92 17.05 7.75 4.91
C ILE A 92 16.27 6.62 5.58
N ARG A 93 16.54 5.36 5.20
CA ARG A 93 15.94 4.22 5.89
C ARG A 93 16.23 4.26 7.38
N ARG A 94 17.45 4.64 7.76
CA ARG A 94 17.76 4.71 9.20
C ARG A 94 16.99 5.83 9.88
N VAL A 95 16.84 6.98 9.21
CA VAL A 95 16.04 8.06 9.78
C VAL A 95 14.62 7.58 10.01
N LEU A 96 14.03 6.94 9.01
CA LEU A 96 12.63 6.51 9.09
C LEU A 96 12.45 5.42 10.13
N ALA A 97 13.43 4.52 10.26
CA ALA A 97 13.35 3.46 11.25
C ALA A 97 13.25 4.03 12.66
N GLY A 98 13.94 5.14 12.93
CA GLY A 98 13.80 5.81 14.21
C GLY A 98 12.45 6.50 14.36
N ILE A 99 12.00 7.18 13.30
CA ILE A 99 10.75 7.94 13.35
C ILE A 99 9.56 7.01 13.55
N PHE A 100 9.53 5.88 12.82
CA PHE A 100 8.48 4.88 12.91
C PHE A 100 8.82 3.76 13.90
N SER A 101 9.64 4.04 14.90
CA SER A 101 9.96 3.03 15.89
C SER A 101 8.68 2.56 16.58
N PRO A 102 8.65 1.31 17.05
CA PRO A 102 7.44 0.85 17.76
C PRO A 102 7.07 1.75 18.92
N ARG A 103 8.07 2.29 19.64
CA ARG A 103 7.76 3.22 20.73
C ARG A 103 7.08 4.49 20.20
N HIS A 104 7.58 5.05 19.10
CA HIS A 104 6.99 6.27 18.56
C HIS A 104 5.61 6.02 17.94
N VAL A 105 5.43 4.88 17.28
CA VAL A 105 4.12 4.59 16.71
C VAL A 105 3.10 4.36 17.82
N LYS A 106 3.53 3.72 18.92
CA LYS A 106 2.64 3.52 20.05
C LYS A 106 2.13 4.85 20.61
N GLU A 107 2.95 5.89 20.52
CA GLU A 107 2.51 7.20 20.98
C GLU A 107 1.40 7.78 20.10
N TRP A 108 1.25 7.29 18.87
CA TRP A 108 0.20 7.73 17.97
C TRP A 108 -1.06 6.88 18.06
N HIS A 109 -0.99 5.79 18.83
CA HIS A 109 -2.17 4.91 19.01
C HIS A 109 -3.41 5.74 19.40
N PRO A 110 -3.38 6.63 20.41
CA PRO A 110 -4.61 7.32 20.82
C PRO A 110 -5.25 8.09 19.68
N ARG A 111 -4.47 8.82 18.87
CA ARG A 111 -5.05 9.53 17.74
C ARG A 111 -5.70 8.56 16.76
N VAL A 112 -5.05 7.41 16.52
CA VAL A 112 -5.61 6.39 15.62
C VAL A 112 -6.95 5.90 16.14
N ALA A 113 -7.05 5.67 17.45
CA ALA A 113 -8.31 5.22 18.02
C ALA A 113 -9.39 6.30 17.94
N ALA A 114 -9.00 7.55 18.17
CA ALA A 114 -9.96 8.65 18.18
C ALA A 114 -10.59 8.81 16.81
N MET A 115 -9.76 8.82 15.77
CA MET A 115 -10.25 8.96 14.40
C MET A 115 -11.11 7.77 13.99
N THR A 116 -10.70 6.56 14.39
CA THR A 116 -11.50 5.38 14.08
C THR A 116 -12.87 5.46 14.77
N ASP A 117 -12.89 5.81 16.07
CA ASP A 117 -14.16 5.95 16.79
C ASP A 117 -15.05 6.99 16.13
N GLU A 118 -14.48 8.13 15.73
CA GLU A 118 -15.25 9.17 15.08
C GLU A 118 -15.96 8.63 13.85
N LEU A 119 -15.23 7.94 12.98
CA LEU A 119 -15.81 7.56 11.70
C LEU A 119 -16.81 6.41 11.87
N VAL A 120 -16.48 5.42 12.71
CA VAL A 120 -17.45 4.37 13.00
C VAL A 120 -18.67 4.92 13.72
N GLY A 121 -18.44 5.83 14.68
CA GLY A 121 -19.55 6.47 15.35
C GLY A 121 -20.50 7.18 14.39
N ALA A 122 -19.95 7.88 13.40
CA ALA A 122 -20.78 8.54 12.41
C ALA A 122 -21.57 7.54 11.57
N VAL A 123 -20.94 6.43 11.18
CA VAL A 123 -21.69 5.41 10.43
C VAL A 123 -22.82 4.87 11.30
N ALA A 124 -22.51 4.53 12.55
CA ALA A 124 -23.47 3.83 13.39
C ALA A 124 -24.68 4.70 13.73
N THR A 125 -24.52 6.01 13.77
CA THR A 125 -25.63 6.91 14.10
C THR A 125 -26.30 7.50 12.86
N GLY A 126 -25.88 7.08 11.66
CA GLY A 126 -26.40 7.63 10.43
C GLY A 126 -27.42 6.71 9.76
N GLU A 127 -27.68 7.00 8.50
CA GLU A 127 -28.69 6.23 7.75
C GLU A 127 -28.10 4.93 7.25
N ARG A 128 -28.96 4.03 6.79
CA ARG A 128 -28.48 2.75 6.23
C ARG A 128 -29.50 2.31 5.16
N PRO A 129 -29.09 1.68 4.05
CA PRO A 129 -27.67 1.27 3.81
C PRO A 129 -26.73 2.43 3.55
N VAL A 130 -25.42 2.18 3.73
CA VAL A 130 -24.38 3.17 3.44
C VAL A 130 -23.27 2.50 2.67
N ASP A 131 -22.56 3.31 1.91
CA ASP A 131 -21.36 2.81 1.24
C ASP A 131 -20.20 2.92 2.23
N LEU A 132 -19.63 1.78 2.59
CA LEU A 132 -18.60 1.78 3.62
C LEU A 132 -17.28 2.33 3.10
N VAL A 133 -17.11 2.42 1.78
CA VAL A 133 -15.89 3.01 1.25
C VAL A 133 -15.90 4.53 1.47
N GLU A 134 -16.93 5.22 0.98
CA GLU A 134 -16.99 6.68 1.13
C GLU A 134 -17.07 7.10 2.59
N THR A 135 -17.71 6.30 3.45
CA THR A 135 -17.92 6.75 4.82
C THR A 135 -16.87 6.22 5.80
N PHE A 136 -16.03 5.29 5.38
CA PHE A 136 -15.11 4.71 6.35
C PHE A 136 -13.75 4.31 5.78
N THR A 137 -13.72 3.35 4.83
CA THR A 137 -12.42 2.77 4.47
C THR A 137 -11.56 3.76 3.72
N LEU A 138 -12.19 4.69 3.02
CA LEU A 138 -11.43 5.75 2.30
C LEU A 138 -11.08 6.86 3.30
N PRO A 139 -12.04 7.48 4.03
CA PRO A 139 -11.65 8.59 4.91
C PRO A 139 -10.67 8.21 6.01
N LEU A 140 -10.78 7.03 6.58
CA LEU A 140 -10.01 6.74 7.79
C LEU A 140 -8.50 6.87 7.59
N PRO A 141 -7.85 6.22 6.60
CA PRO A 141 -6.37 6.36 6.46
C PRO A 141 -5.95 7.81 6.16
N ILE A 142 -6.74 8.54 5.35
CA ILE A 142 -6.27 9.90 4.97
C ILE A 142 -6.44 10.85 6.18
N GLN A 143 -7.51 10.67 6.95
CA GLN A 143 -7.69 11.51 8.16
C GLN A 143 -6.53 11.25 9.13
N ILE A 144 -6.20 9.98 9.31
CA ILE A 144 -5.07 9.62 10.20
C ILE A 144 -3.81 10.29 9.66
N MET A 145 -3.52 10.11 8.38
CA MET A 145 -2.28 10.70 7.91
C MET A 145 -2.30 12.21 8.05
N CYS A 146 -3.46 12.83 7.80
CA CYS A 146 -3.55 14.28 7.95
C CYS A 146 -3.35 14.70 9.41
N GLU A 147 -3.92 13.95 10.36
CA GLU A 147 -3.69 14.26 11.76
C GLU A 147 -2.22 14.13 12.13
N LEU A 148 -1.58 13.03 11.69
CA LEU A 148 -0.18 12.81 12.05
C LEU A 148 0.73 13.84 11.40
N MET A 149 0.27 14.50 10.33
CA MET A 149 1.03 15.51 9.59
C MET A 149 0.62 16.93 9.94
N GLY A 150 -0.29 17.11 10.89
CA GLY A 150 -0.66 18.45 11.31
C GLY A 150 -1.47 19.21 10.29
N VAL A 151 -2.21 18.50 9.44
CA VAL A 151 -3.04 19.11 8.39
C VAL A 151 -4.40 19.45 8.99
N PRO A 152 -4.89 20.68 8.83
CA PRO A 152 -6.22 21.01 9.35
C PRO A 152 -7.31 20.13 8.73
N ALA A 153 -8.34 19.85 9.53
CA ALA A 153 -9.46 19.05 9.04
C ALA A 153 -10.04 19.60 7.73
N ALA A 154 -10.07 20.93 7.59
CA ALA A 154 -10.67 21.56 6.42
C ALA A 154 -9.93 21.24 5.13
N ASP A 155 -8.72 20.71 5.22
CA ASP A 155 -7.92 20.43 4.04
C ASP A 155 -7.79 18.94 3.72
N ARG A 156 -8.45 18.08 4.49
CA ARG A 156 -8.28 16.63 4.25
C ARG A 156 -8.78 16.28 2.82
N ARG A 157 -9.89 16.87 2.42
CA ARG A 157 -10.48 16.52 1.11
C ARG A 157 -9.54 16.88 -0.04
N LYS A 158 -8.90 18.03 0.05
CA LYS A 158 -7.92 18.43 -0.99
C LYS A 158 -6.87 17.34 -1.10
N PHE A 159 -6.32 16.93 0.05
CA PHE A 159 -5.29 15.88 0.04
C PHE A 159 -5.81 14.60 -0.58
N GLN A 160 -7.03 14.22 -0.23
CA GLN A 160 -7.64 13.04 -0.83
C GLN A 160 -7.77 13.20 -2.34
N LEU A 161 -8.30 14.34 -2.79
CA LEU A 161 -8.50 14.55 -4.22
C LEU A 161 -7.17 14.62 -4.98
N TRP A 162 -6.18 15.32 -4.42
CA TRP A 162 -4.87 15.38 -5.07
C TRP A 162 -4.28 13.98 -5.20
N THR A 163 -4.34 13.20 -4.12
CA THR A 163 -3.71 11.88 -4.16
C THR A 163 -4.41 10.99 -5.19
N ASP A 164 -5.74 10.99 -5.18
CA ASP A 164 -6.51 10.19 -6.13
C ASP A 164 -6.11 10.54 -7.56
N MET A 165 -5.90 11.82 -7.84
CA MET A 165 -5.53 12.26 -9.19
C MET A 165 -4.13 11.80 -9.55
N ILE A 166 -3.19 11.97 -8.62
CA ILE A 166 -1.79 11.65 -8.92
C ILE A 166 -1.60 10.16 -9.16
N ILE A 167 -2.35 9.31 -8.44
CA ILE A 167 -2.17 7.87 -8.61
C ILE A 167 -3.03 7.26 -9.71
N SER A 168 -4.00 8.00 -10.26
CA SER A 168 -4.93 7.42 -11.24
C SER A 168 -4.45 7.78 -12.65
N SER A 169 -3.44 7.05 -13.10
CA SER A 169 -2.74 7.37 -14.35
C SER A 169 -3.64 7.22 -15.57
N THR A 170 -4.68 6.40 -15.48
CA THR A 170 -5.55 6.23 -16.62
C THR A 170 -6.77 7.13 -16.55
N ALA A 171 -6.96 7.86 -15.46
CA ALA A 171 -8.16 8.66 -15.27
C ALA A 171 -7.97 10.14 -15.57
N PHE A 172 -6.74 10.65 -15.45
CA PHE A 172 -6.43 12.06 -15.64
C PHE A 172 -5.20 12.20 -16.53
N THR A 173 -5.09 13.32 -17.25
CA THR A 173 -3.89 13.52 -18.07
C THR A 173 -2.71 13.91 -17.21
N ALA A 174 -1.52 13.80 -17.81
CA ALA A 174 -0.29 14.19 -17.12
C ALA A 174 -0.33 15.64 -16.65
N GLU A 175 -0.84 16.55 -17.46
CA GLU A 175 -0.88 17.98 -17.06
C GLU A 175 -1.68 18.11 -15.76
N GLU A 176 -2.81 17.40 -15.66
CA GLU A 176 -3.64 17.48 -14.47
C GLU A 176 -2.91 16.91 -13.27
N ARG A 177 -2.27 15.77 -13.44
CA ARG A 177 -1.55 15.10 -12.35
C ARG A 177 -0.31 15.88 -11.92
N ILE A 178 0.42 16.45 -12.88
CA ILE A 178 1.53 17.35 -12.56
C ILE A 178 1.04 18.53 -11.75
N GLY A 179 -0.08 19.13 -12.18
CA GLY A 179 -0.64 20.26 -11.44
C GLY A 179 -1.02 19.90 -10.02
N ALA A 180 -1.63 18.72 -9.81
CA ALA A 180 -1.97 18.32 -8.45
C ALA A 180 -0.72 18.08 -7.62
N ALA A 181 0.29 17.43 -8.19
CA ALA A 181 1.53 17.20 -7.44
C ALA A 181 2.18 18.53 -7.07
N GLY A 182 2.13 19.51 -7.98
CA GLY A 182 2.66 20.83 -7.67
C GLY A 182 1.91 21.53 -6.55
N GLU A 183 0.58 21.37 -6.52
CA GLU A 183 -0.20 21.94 -5.39
C GLU A 183 0.17 21.17 -4.12
N PHE A 184 0.08 19.84 -4.17
CA PHE A 184 0.43 18.98 -3.01
C PHE A 184 1.75 19.46 -2.40
N THR A 185 2.81 19.39 -3.18
CA THR A 185 4.15 19.80 -2.68
C THR A 185 4.05 21.21 -2.14
N GLY A 186 3.50 22.15 -2.92
CA GLY A 186 3.46 23.53 -2.47
C GLY A 186 2.79 23.67 -1.12
N TYR A 187 1.67 22.96 -0.92
CA TYR A 187 1.00 22.95 0.38
C TYR A 187 1.94 22.42 1.46
N VAL A 188 2.59 21.30 1.18
CA VAL A 188 3.46 20.67 2.17
C VAL A 188 4.61 21.59 2.56
N SER A 189 5.16 22.33 1.60
CA SER A 189 6.21 23.28 1.95
C SER A 189 5.69 24.36 2.89
N GLU A 190 4.46 24.84 2.66
CA GLU A 190 3.89 25.85 3.54
C GLU A 190 3.54 25.26 4.89
N LEU A 191 3.09 24.01 4.90
CA LEU A 191 2.84 23.29 6.14
C LEU A 191 4.11 23.22 6.99
N ILE A 192 5.22 22.80 6.38
CA ILE A 192 6.49 22.73 7.09
C ILE A 192 6.87 24.10 7.63
N GLU A 193 6.69 25.15 6.83
CA GLU A 193 7.09 26.49 7.25
C GLU A 193 6.30 26.93 8.46
N GLY A 194 5.01 26.57 8.53
CA GLY A 194 4.19 26.96 9.66
C GLY A 194 4.29 26.06 10.85
N ARG A 195 4.91 24.90 10.67
CA ARG A 195 5.01 23.87 11.71
C ARG A 195 6.38 23.84 12.37
N ARG A 196 7.44 24.12 11.60
CA ARG A 196 8.79 23.95 12.09
C ARG A 196 9.05 24.82 13.32
N GLY A 197 9.85 24.29 14.25
CA GLY A 197 10.26 25.05 15.42
C GLY A 197 9.18 25.33 16.44
N THR A 198 8.02 24.65 16.39
CA THR A 198 6.95 24.90 17.34
C THR A 198 6.76 23.78 18.37
N GLY A 199 7.61 22.77 18.37
CA GLY A 199 7.63 21.81 19.46
C GLY A 199 6.58 20.73 19.45
N GLY A 200 6.00 20.45 18.30
CA GLY A 200 5.03 19.34 18.21
C GLY A 200 5.65 17.97 18.38
N ASP A 201 4.80 16.96 18.60
CA ASP A 201 5.30 15.56 18.73
C ASP A 201 4.58 14.67 17.70
N ALA A 202 4.26 15.24 16.54
CA ALA A 202 3.63 14.44 15.48
C ALA A 202 4.66 13.92 14.47
N LEU A 203 4.17 13.10 13.54
CA LEU A 203 5.06 12.58 12.51
C LEU A 203 5.74 13.72 11.76
N ILE A 204 4.99 14.75 11.41
CA ILE A 204 5.54 15.89 10.66
C ILE A 204 6.68 16.55 11.45
N ASP A 205 6.53 16.69 12.77
CA ASP A 205 7.60 17.29 13.56
C ASP A 205 8.85 16.42 13.61
N ALA A 206 8.69 15.10 13.65
CA ALA A 206 9.87 14.24 13.66
C ALA A 206 10.61 14.32 12.33
N LEU A 207 9.88 14.42 11.22
CA LEU A 207 10.52 14.60 9.92
C LEU A 207 11.26 15.93 9.84
N ILE A 208 10.62 17.01 10.29
CA ILE A 208 11.26 18.32 10.23
C ILE A 208 12.53 18.32 11.07
N GLU A 209 12.48 17.68 12.24
CA GLU A 209 13.65 17.64 13.12
C GLU A 209 14.80 16.86 12.49
N ALA A 210 14.50 15.80 11.75
CA ALA A 210 15.55 15.06 11.04
C ALA A 210 16.30 15.95 10.05
N HIS A 211 15.59 16.90 9.45
CA HIS A 211 16.20 17.81 8.48
C HIS A 211 16.95 18.93 9.19
N GLU A 212 16.31 19.55 10.18
CA GLU A 212 16.90 20.75 10.79
C GLU A 212 17.98 20.42 11.81
N ASP A 213 17.73 19.47 12.70
CA ASP A 213 18.71 19.17 13.74
C ASP A 213 19.70 18.10 13.32
N GLY A 214 19.20 16.95 12.91
CA GLY A 214 20.09 15.89 12.46
C GLY A 214 20.87 16.25 11.21
N GLU A 215 20.30 17.10 10.35
CA GLU A 215 20.85 17.30 9.00
C GLU A 215 20.98 15.96 8.28
N ARG A 216 20.09 15.03 8.63
CA ARG A 216 20.06 13.67 8.08
C ARG A 216 19.11 13.53 6.91
N LEU A 217 18.37 14.60 6.58
CA LEU A 217 17.46 14.66 5.46
C LEU A 217 17.73 16.00 4.78
N SER A 218 17.83 15.98 3.44
CA SER A 218 17.88 17.24 2.71
C SER A 218 16.48 17.86 2.64
N GLU A 219 16.42 19.10 2.16
CA GLU A 219 15.11 19.75 2.05
C GLU A 219 14.23 19.04 1.04
N ALA A 220 14.79 18.63 -0.11
CA ALA A 220 13.99 17.92 -1.10
C ALA A 220 13.58 16.55 -0.60
N GLU A 221 14.45 15.88 0.16
CA GLU A 221 14.07 14.60 0.72
C GLU A 221 12.93 14.77 1.71
N LEU A 222 13.01 15.81 2.55
CA LEU A 222 11.96 16.05 3.53
C LEU A 222 10.59 16.28 2.86
N VAL A 223 10.55 17.17 1.87
CA VAL A 223 9.29 17.49 1.19
C VAL A 223 8.76 16.26 0.47
N HIS A 224 9.64 15.58 -0.27
CA HIS A 224 9.18 14.40 -1.06
C HIS A 224 8.66 13.31 -0.12
N LEU A 225 9.40 13.04 0.96
CA LEU A 225 9.00 11.99 1.92
C LEU A 225 7.65 12.34 2.55
N THR A 226 7.51 13.59 2.98
CA THR A 226 6.25 13.96 3.61
C THR A 226 5.08 13.71 2.66
N VAL A 227 5.22 14.04 1.39
CA VAL A 227 4.13 13.82 0.39
C VAL A 227 3.91 12.30 0.20
N MET A 228 4.99 11.59 0.00
CA MET A 228 4.89 10.12 -0.24
C MET A 228 4.22 9.43 0.96
N LEU A 229 4.62 9.83 2.16
CA LEU A 229 4.07 9.15 3.36
C LEU A 229 2.55 9.37 3.40
N ILE A 230 2.12 10.58 3.06
CA ILE A 230 0.68 10.83 3.01
C ILE A 230 0.00 9.95 1.98
N MET A 231 0.54 9.92 0.76
CA MET A 231 -0.10 9.18 -0.32
C MET A 231 -0.11 7.69 -0.05
N ALA A 232 1.03 7.13 0.37
CA ALA A 232 1.12 5.71 0.64
C ALA A 232 0.23 5.32 1.81
N GLY A 233 0.32 6.07 2.92
CA GLY A 233 -0.47 5.76 4.09
C GLY A 233 -1.95 5.83 3.85
N TYR A 234 -2.34 6.63 2.85
CA TYR A 234 -3.78 6.72 2.52
C TYR A 234 -4.24 5.63 1.55
N GLU A 235 -3.78 5.68 0.31
CA GLU A 235 -4.35 4.78 -0.73
C GLU A 235 -4.17 3.28 -0.46
N THR A 236 -2.96 2.87 -0.13
CA THR A 236 -2.72 1.42 0.01
C THR A 236 -3.56 0.90 1.14
N THR A 237 -3.52 1.60 2.28
CA THR A 237 -4.29 1.17 3.46
C THR A 237 -5.77 1.11 3.10
N ALA A 238 -6.27 2.18 2.46
CA ALA A 238 -7.70 2.22 2.14
C ALA A 238 -8.10 1.07 1.23
N GLY A 239 -7.23 0.73 0.28
CA GLY A 239 -7.54 -0.38 -0.62
C GLY A 239 -7.58 -1.72 0.09
N VAL A 240 -6.58 -1.99 0.95
CA VAL A 240 -6.55 -3.24 1.73
C VAL A 240 -7.74 -3.32 2.67
N LEU A 241 -8.08 -2.18 3.30
CA LEU A 241 -9.20 -2.17 4.24
C LEU A 241 -10.52 -2.46 3.53
N ALA A 242 -10.75 -1.84 2.37
CA ALA A 242 -12.01 -2.10 1.66
C ALA A 242 -12.07 -3.53 1.15
N ARG A 243 -10.98 -4.00 0.53
CA ARG A 243 -10.95 -5.38 0.04
C ARG A 243 -11.13 -6.36 1.18
N GLY A 244 -10.48 -6.10 2.30
CA GLY A 244 -10.57 -7.03 3.43
C GLY A 244 -11.96 -7.08 4.02
N LEU A 245 -12.59 -5.92 4.17
CA LEU A 245 -13.95 -5.90 4.71
C LEU A 245 -14.94 -6.53 3.73
N LEU A 246 -14.77 -6.31 2.42
CA LEU A 246 -15.65 -6.98 1.46
C LEU A 246 -15.51 -8.49 1.56
N THR A 247 -14.27 -8.98 1.65
CA THR A 247 -14.04 -10.42 1.77
C THR A 247 -14.55 -10.98 3.09
N LEU A 248 -14.37 -10.24 4.20
CA LEU A 248 -14.95 -10.70 5.47
C LEU A 248 -16.46 -10.84 5.36
N LEU A 249 -17.13 -9.88 4.73
CA LEU A 249 -18.58 -9.89 4.65
C LEU A 249 -19.08 -10.96 3.67
N THR A 250 -18.37 -11.16 2.56
CA THR A 250 -18.83 -12.15 1.58
C THR A 250 -18.60 -13.56 2.10
N THR A 251 -17.50 -13.79 2.83
CA THR A 251 -17.25 -15.13 3.34
C THR A 251 -18.00 -15.43 4.63
N GLY A 252 -18.61 -14.43 5.26
CA GLY A 252 -19.21 -14.64 6.56
C GLY A 252 -18.23 -14.67 7.71
N GLN A 253 -16.95 -14.38 7.43
CA GLN A 253 -15.97 -14.43 8.52
C GLN A 253 -15.91 -13.13 9.31
N TYR A 254 -16.62 -12.09 8.88
CA TYR A 254 -16.87 -10.94 9.76
C TYR A 254 -17.49 -11.42 11.07
N ARG A 255 -18.51 -12.27 10.98
CA ARG A 255 -19.16 -12.81 12.17
C ARG A 255 -18.17 -13.58 13.05
N THR A 256 -17.21 -14.29 12.43
CA THR A 256 -16.19 -14.99 13.21
C THR A 256 -15.46 -14.02 14.13
N LEU A 257 -15.13 -12.84 13.62
CA LEU A 257 -14.42 -11.86 14.45
C LEU A 257 -15.32 -11.24 15.49
N VAL A 258 -16.62 -11.08 15.17
CA VAL A 258 -17.55 -10.53 16.15
C VAL A 258 -17.67 -11.47 17.34
N GLU A 259 -17.79 -12.77 17.07
CA GLU A 259 -18.00 -13.73 18.14
C GLU A 259 -16.70 -14.08 18.85
N GLU A 260 -15.53 -13.94 18.19
CA GLU A 260 -14.25 -14.29 18.79
C GLU A 260 -13.25 -13.20 18.43
N PRO A 261 -13.28 -12.06 19.13
CA PRO A 261 -12.40 -10.93 18.76
C PRO A 261 -10.92 -11.23 18.89
N ALA A 262 -10.56 -12.26 19.66
CA ALA A 262 -9.16 -12.68 19.76
C ALA A 262 -8.58 -13.11 18.43
N VAL A 263 -9.43 -13.39 17.43
CA VAL A 263 -8.96 -13.78 16.09
C VAL A 263 -8.53 -12.58 15.24
N ILE A 264 -8.80 -11.36 15.67
CA ILE A 264 -8.56 -10.21 14.80
C ILE A 264 -7.11 -10.08 14.39
N PRO A 265 -6.11 -10.35 15.24
CA PRO A 265 -4.73 -10.20 14.76
C PRO A 265 -4.37 -11.15 13.63
N THR A 266 -4.79 -12.42 13.68
CA THR A 266 -4.52 -13.29 12.54
C THR A 266 -5.40 -12.88 11.35
N ALA A 267 -6.59 -12.30 11.61
CA ALA A 267 -7.42 -11.84 10.50
C ALA A 267 -6.75 -10.70 9.74
N VAL A 268 -6.09 -9.80 10.46
CA VAL A 268 -5.41 -8.68 9.79
C VAL A 268 -4.33 -9.21 8.86
N GLU A 269 -3.54 -10.19 9.33
CA GLU A 269 -2.49 -10.74 8.46
C GLU A 269 -3.07 -11.48 7.26
N GLU A 270 -4.17 -12.21 7.48
CA GLU A 270 -4.77 -12.94 6.36
C GLU A 270 -5.39 -12.00 5.33
N ILE A 271 -5.95 -10.88 5.78
CA ILE A 271 -6.43 -9.85 4.86
C ILE A 271 -5.27 -9.27 4.06
N LEU A 272 -4.16 -8.96 4.75
CA LEU A 272 -2.99 -8.48 4.03
C LEU A 272 -2.54 -9.51 2.98
N ARG A 273 -2.50 -10.79 3.34
CA ARG A 273 -2.06 -11.84 2.40
C ARG A 273 -3.03 -11.95 1.24
N TYR A 274 -4.30 -12.14 1.55
CA TYR A 274 -5.27 -12.50 0.53
C TYR A 274 -5.65 -11.31 -0.34
N GLU A 275 -5.67 -10.10 0.23
CA GLU A 275 -6.11 -8.92 -0.49
C GLU A 275 -4.97 -7.98 -0.81
N ALA A 276 -3.73 -8.51 -0.85
CA ALA A 276 -2.58 -7.77 -1.36
C ALA A 276 -3.04 -7.01 -2.59
N PRO A 277 -3.04 -5.65 -2.57
CA PRO A 277 -3.71 -4.89 -3.61
C PRO A 277 -2.95 -4.61 -4.89
N SER A 278 -1.71 -5.10 -4.95
CA SER A 278 -0.85 -4.83 -6.13
C SER A 278 -0.41 -6.16 -6.78
N ASP A 279 -0.94 -6.47 -7.95
CA ASP A 279 -0.57 -7.71 -8.68
C ASP A 279 0.89 -7.64 -9.08
N GLY A 280 1.41 -6.43 -9.25
CA GLY A 280 2.83 -6.28 -9.57
C GLY A 280 3.50 -5.21 -8.74
N GLY A 281 4.82 -5.24 -8.67
CA GLY A 281 5.56 -4.27 -7.87
C GLY A 281 6.66 -3.57 -8.61
N LEU A 282 7.30 -2.61 -7.93
CA LEU A 282 8.41 -1.85 -8.53
C LEU A 282 9.50 -2.79 -9.08
N LEU A 283 9.98 -2.49 -10.29
CA LEU A 283 10.96 -3.35 -10.95
C LEU A 283 12.30 -3.32 -10.21
N ARG A 284 13.00 -4.45 -10.27
CA ARG A 284 14.37 -4.54 -9.70
C ARG A 284 15.34 -4.83 -10.87
N MET A 285 16.41 -4.04 -10.97
CA MET A 285 17.37 -4.27 -12.05
C MET A 285 18.53 -5.09 -11.51
N PRO A 286 18.78 -6.32 -12.06
CA PRO A 286 19.96 -7.10 -11.66
C PRO A 286 21.24 -6.36 -12.09
N THR A 287 22.15 -6.15 -11.14
CA THR A 287 23.41 -5.49 -11.48
C THR A 287 24.49 -6.49 -11.83
N LYS A 288 24.07 -7.76 -11.88
CA LYS A 288 24.96 -8.88 -12.26
C LYS A 288 23.99 -10.07 -12.42
N ASP A 289 24.41 -11.16 -13.08
CA ASP A 289 23.55 -12.34 -13.16
C ASP A 289 23.24 -12.85 -11.76
N VAL A 290 21.95 -13.00 -11.48
CA VAL A 290 21.52 -13.41 -10.12
C VAL A 290 20.82 -14.78 -10.17
N ARG A 291 21.32 -15.70 -9.36
CA ARG A 291 20.74 -17.06 -9.29
C ARG A 291 19.55 -17.01 -8.34
N LEU A 292 18.36 -17.15 -8.88
CA LEU A 292 17.17 -17.21 -8.01
C LEU A 292 16.84 -18.69 -7.80
N PRO A 293 15.98 -19.05 -6.84
CA PRO A 293 15.65 -20.47 -6.67
C PRO A 293 15.12 -21.16 -7.93
N SER A 294 14.41 -20.46 -8.80
CA SER A 294 13.82 -21.09 -9.98
C SER A 294 14.65 -20.91 -11.25
N GLY A 295 15.72 -20.14 -11.20
CA GLY A 295 16.49 -19.88 -12.40
C GLY A 295 17.34 -18.64 -12.23
N VAL A 296 18.04 -18.30 -13.29
CA VAL A 296 18.94 -17.15 -13.26
C VAL A 296 18.28 -15.99 -14.00
N VAL A 297 18.38 -14.78 -13.43
CA VAL A 297 17.96 -13.58 -14.14
C VAL A 297 19.23 -12.84 -14.54
N GLY A 298 19.25 -12.37 -15.79
CA GLY A 298 20.48 -11.83 -16.34
C GLY A 298 20.75 -10.39 -15.94
N GLU A 299 22.02 -10.04 -15.90
CA GLU A 299 22.42 -8.65 -15.68
C GLU A 299 21.68 -7.72 -16.63
N GLY A 300 21.14 -6.64 -16.10
CA GLY A 300 20.45 -5.66 -16.92
C GLY A 300 19.06 -6.02 -17.41
N GLN A 301 18.50 -7.15 -16.96
CA GLN A 301 17.18 -7.61 -17.39
C GLN A 301 16.22 -7.44 -16.21
N ALA A 302 15.40 -6.40 -16.24
CA ALA A 302 14.62 -6.03 -15.06
C ALA A 302 13.61 -7.12 -14.70
N VAL A 303 13.33 -7.22 -13.40
CA VAL A 303 12.42 -8.21 -12.83
C VAL A 303 11.27 -7.49 -12.14
N MET A 304 10.04 -7.89 -12.46
CA MET A 304 8.85 -7.50 -11.71
C MET A 304 8.54 -8.52 -10.62
N PRO A 305 8.69 -8.18 -9.34
CA PRO A 305 8.19 -9.08 -8.29
C PRO A 305 6.69 -8.93 -8.14
N SER A 306 5.99 -10.05 -8.08
CA SER A 306 4.57 -10.06 -7.76
C SER A 306 4.40 -10.57 -6.34
N MET A 307 4.26 -9.65 -5.40
CA MET A 307 4.01 -10.05 -4.00
C MET A 307 2.63 -10.75 -3.92
N ALA A 308 1.68 -10.29 -4.71
CA ALA A 308 0.36 -10.93 -4.66
C ALA A 308 0.42 -12.40 -5.08
N ALA A 309 1.18 -12.72 -6.14
CA ALA A 309 1.33 -14.10 -6.56
C ALA A 309 2.12 -14.91 -5.53
N ALA A 310 3.16 -14.31 -4.98
CA ALA A 310 3.92 -14.98 -3.92
C ALA A 310 3.00 -15.36 -2.77
N ASN A 311 2.02 -14.49 -2.49
CA ASN A 311 1.15 -14.64 -1.34
C ASN A 311 0.19 -15.81 -1.48
N ARG A 312 0.10 -16.39 -2.68
CA ARG A 312 -0.77 -17.55 -2.90
C ARG A 312 0.03 -18.77 -3.36
N ASP A 313 1.31 -18.79 -3.03
CA ASP A 313 2.17 -19.88 -3.44
C ASP A 313 1.96 -21.07 -2.49
N PRO A 314 1.46 -22.22 -2.98
CA PRO A 314 1.20 -23.36 -2.09
C PRO A 314 2.44 -23.91 -1.40
N GLU A 315 3.65 -23.59 -1.88
CA GLU A 315 4.86 -24.01 -1.18
C GLU A 315 4.96 -23.42 0.21
N VAL A 316 4.33 -22.28 0.43
CA VAL A 316 4.48 -21.51 1.65
C VAL A 316 3.18 -21.42 2.43
N PHE A 317 2.05 -21.37 1.74
CA PHE A 317 0.73 -21.22 2.36
C PHE A 317 -0.15 -22.41 1.99
N THR A 318 -0.49 -23.23 2.98
CA THR A 318 -1.37 -24.37 2.73
C THR A 318 -2.75 -23.90 2.34
N ASP A 319 -3.36 -24.57 1.37
CA ASP A 319 -4.64 -24.14 0.80
C ASP A 319 -4.62 -22.64 0.50
N PRO A 320 -3.71 -22.19 -0.38
CA PRO A 320 -3.49 -20.74 -0.53
C PRO A 320 -4.66 -19.95 -1.10
N GLU A 321 -5.58 -20.59 -1.78
CA GLU A 321 -6.75 -19.91 -2.33
C GLU A 321 -7.90 -19.84 -1.33
N THR A 322 -7.74 -20.39 -0.14
CA THR A 322 -8.75 -20.27 0.91
C THR A 322 -8.45 -19.05 1.77
N PHE A 323 -9.47 -18.21 1.98
CA PHE A 323 -9.40 -17.12 2.96
C PHE A 323 -9.83 -17.67 4.31
N ASP A 324 -8.95 -17.60 5.30
CA ASP A 324 -9.16 -18.18 6.63
C ASP A 324 -8.62 -17.20 7.67
N VAL A 325 -9.52 -16.52 8.39
CA VAL A 325 -9.06 -15.53 9.37
C VAL A 325 -8.28 -16.16 10.51
N ARG A 326 -8.40 -17.47 10.69
CA ARG A 326 -7.67 -18.19 11.74
C ARG A 326 -6.31 -18.69 11.27
N ARG A 327 -5.90 -18.38 10.05
CA ARG A 327 -4.65 -18.91 9.50
C ARG A 327 -3.48 -18.50 10.39
N ALA A 328 -2.79 -19.49 10.94
CA ALA A 328 -1.73 -19.19 11.90
C ALA A 328 -0.44 -18.80 11.18
N LYS A 329 -0.10 -19.49 10.10
CA LYS A 329 1.14 -19.24 9.38
C LYS A 329 0.83 -18.28 8.24
N CYS A 330 1.37 -17.07 8.33
CA CYS A 330 1.04 -16.09 7.30
C CYS A 330 2.22 -15.16 7.00
N PRO A 331 3.34 -15.68 6.52
CA PRO A 331 4.49 -14.82 6.20
C PRO A 331 4.33 -14.13 4.85
N HIS A 332 3.26 -13.35 4.72
CA HIS A 332 2.97 -12.70 3.44
C HIS A 332 4.03 -11.64 3.13
N LEU A 333 4.13 -11.29 1.85
CA LEU A 333 5.05 -10.26 1.37
C LEU A 333 4.31 -8.96 1.02
N THR A 334 3.16 -8.72 1.66
CA THR A 334 2.34 -7.57 1.27
C THR A 334 3.00 -6.25 1.65
N PHE A 335 3.89 -6.29 2.65
CA PHE A 335 4.72 -5.13 2.98
C PHE A 335 6.10 -5.21 2.34
N GLY A 336 6.29 -6.15 1.41
CA GLY A 336 7.60 -6.34 0.79
C GLY A 336 8.57 -7.07 1.70
N GLN A 337 9.84 -6.80 1.49
CA GLN A 337 10.91 -7.48 2.20
C GLN A 337 12.22 -6.82 1.76
N GLY A 338 13.24 -6.93 2.60
CA GLY A 338 14.54 -6.41 2.23
C GLY A 338 14.62 -4.90 2.46
N ALA A 339 15.51 -4.26 1.69
CA ALA A 339 15.84 -2.85 1.91
C ALA A 339 14.62 -1.95 1.89
N HIS A 340 13.69 -2.19 0.96
CA HIS A 340 12.56 -1.28 0.80
C HIS A 340 11.29 -1.77 1.52
N TYR A 341 11.43 -2.65 2.50
CA TYR A 341 10.31 -3.07 3.34
C TYR A 341 9.53 -1.85 3.81
N CYS A 342 8.21 -1.93 3.74
CA CYS A 342 7.33 -0.83 4.12
C CYS A 342 7.77 -0.16 5.41
N ALA A 343 8.10 1.12 5.31
CA ALA A 343 8.51 1.88 6.48
C ALA A 343 7.35 2.13 7.43
N GLY A 344 6.11 2.09 6.94
CA GLY A 344 4.97 2.33 7.81
C GLY A 344 4.22 1.08 8.21
N ALA A 345 4.84 -0.10 8.06
CA ALA A 345 4.13 -1.36 8.29
C ALA A 345 3.51 -1.45 9.68
N ASN A 346 4.23 -0.99 10.72
CA ASN A 346 3.65 -1.05 12.08
C ASN A 346 2.40 -0.21 12.19
N LEU A 347 2.43 1.01 11.63
CA LEU A 347 1.27 1.88 11.68
C LEU A 347 0.12 1.29 10.87
N ALA A 348 0.42 0.77 9.67
CA ALA A 348 -0.63 0.22 8.82
C ALA A 348 -1.30 -0.98 9.47
N ARG A 349 -0.50 -1.88 10.04
CA ARG A 349 -1.04 -3.06 10.71
C ARG A 349 -1.93 -2.65 11.89
N HIS A 350 -1.49 -1.65 12.64
CA HIS A 350 -2.29 -1.18 13.77
C HIS A 350 -3.61 -0.57 13.32
N GLU A 351 -3.59 0.24 12.26
CA GLU A 351 -4.81 0.84 11.73
C GLU A 351 -5.82 -0.23 11.36
N LEU A 352 -5.37 -1.23 10.60
CA LEU A 352 -6.26 -2.33 10.22
C LEU A 352 -6.81 -3.03 11.44
N GLN A 353 -5.96 -3.33 12.42
CA GLN A 353 -6.43 -3.98 13.64
C GLN A 353 -7.50 -3.15 14.34
N VAL A 354 -7.24 -1.86 14.54
CA VAL A 354 -8.20 -1.02 15.25
C VAL A 354 -9.47 -0.82 14.42
N ALA A 355 -9.35 -0.72 13.09
CA ALA A 355 -10.55 -0.65 12.28
C ALA A 355 -11.45 -1.87 12.51
N LEU A 356 -10.87 -3.07 12.51
CA LEU A 356 -11.69 -4.27 12.68
C LEU A 356 -12.23 -4.39 14.10
N GLU A 357 -11.39 -4.09 15.10
CA GLU A 357 -11.86 -4.05 16.47
C GLU A 357 -13.07 -3.14 16.63
N THR A 358 -13.02 -1.94 16.04
CA THR A 358 -14.05 -0.95 16.31
C THR A 358 -15.32 -1.27 15.52
N LEU A 359 -15.17 -1.66 14.25
CA LEU A 359 -16.35 -2.01 13.47
C LEU A 359 -17.09 -3.21 14.07
N THR A 360 -16.36 -4.24 14.48
CA THR A 360 -17.05 -5.41 15.03
C THR A 360 -17.63 -5.12 16.40
N ARG A 361 -16.99 -4.23 17.17
CA ARG A 361 -17.53 -3.82 18.46
C ARG A 361 -18.85 -3.06 18.29
N ARG A 362 -18.86 -2.06 17.43
CA ARG A 362 -20.00 -1.15 17.29
C ARG A 362 -21.07 -1.67 16.34
N LEU A 363 -20.67 -2.38 15.29
CA LEU A 363 -21.58 -2.84 14.26
C LEU A 363 -21.46 -4.35 14.07
N PRO A 364 -21.80 -5.14 15.12
CA PRO A 364 -21.66 -6.60 15.01
C PRO A 364 -22.54 -7.25 13.96
N ASP A 365 -23.66 -6.64 13.58
CA ASP A 365 -24.58 -7.26 12.63
C ASP A 365 -24.39 -6.75 11.21
N LEU A 366 -23.25 -6.13 10.92
CA LEU A 366 -22.97 -5.59 9.60
C LEU A 366 -23.05 -6.68 8.54
N ARG A 367 -23.65 -6.34 7.39
CA ARG A 367 -23.73 -7.30 6.30
C ARG A 367 -23.84 -6.54 4.99
N LEU A 368 -23.49 -7.21 3.90
CA LEU A 368 -23.59 -6.58 2.59
C LEU A 368 -25.03 -6.23 2.27
N ALA A 369 -25.23 -5.07 1.66
CA ALA A 369 -26.54 -4.63 1.23
C ALA A 369 -26.82 -4.94 -0.24
N VAL A 370 -25.85 -5.49 -0.96
CA VAL A 370 -26.00 -5.88 -2.36
C VAL A 370 -25.33 -7.22 -2.57
N GLU A 371 -25.59 -7.83 -3.72
CA GLU A 371 -24.87 -9.04 -4.04
C GLU A 371 -23.46 -8.66 -4.50
N PRO A 372 -22.44 -9.44 -4.10
CA PRO A 372 -21.05 -8.99 -4.35
C PRO A 372 -20.72 -8.76 -5.82
N THR A 373 -21.45 -9.36 -6.76
CA THR A 373 -21.15 -9.16 -8.17
C THR A 373 -21.64 -7.82 -8.71
N GLU A 374 -22.40 -7.05 -7.93
CA GLU A 374 -22.82 -5.71 -8.36
C GLU A 374 -21.78 -4.64 -8.06
N ILE A 375 -20.63 -5.01 -7.50
CA ILE A 375 -19.61 -4.05 -7.06
C ILE A 375 -18.56 -3.91 -8.16
N GLU A 376 -18.23 -2.67 -8.50
CA GLU A 376 -17.21 -2.38 -9.51
C GLU A 376 -15.84 -2.23 -8.86
N TRP A 377 -14.80 -2.58 -9.63
CA TRP A 377 -13.44 -2.68 -9.13
C TRP A 377 -12.47 -1.83 -9.95
N ARG A 378 -11.46 -1.31 -9.26
CA ARG A 378 -10.30 -0.82 -9.99
C ARG A 378 -9.53 -2.03 -10.51
N LYS A 379 -8.75 -1.85 -11.58
CA LYS A 379 -8.15 -3.00 -12.27
C LYS A 379 -6.63 -3.02 -12.31
N GLY A 380 -5.96 -1.90 -12.01
CA GLY A 380 -4.56 -1.76 -12.34
C GLY A 380 -3.65 -2.62 -11.49
N LEU A 381 -2.48 -2.92 -12.07
CA LEU A 381 -1.56 -3.89 -11.41
C LEU A 381 -0.88 -3.28 -10.17
N LEU A 382 -0.85 -1.95 -10.08
CA LEU A 382 -0.22 -1.34 -8.92
C LEU A 382 -1.18 -1.15 -7.75
N LEU A 383 -2.50 -1.13 -8.01
CA LEU A 383 -3.51 -0.97 -6.97
C LEU A 383 -4.90 -1.30 -7.51
N ARG A 384 -5.52 -2.35 -6.97
CA ARG A 384 -6.87 -2.81 -7.26
C ARG A 384 -7.69 -2.84 -5.97
N GLY A 385 -8.94 -2.39 -6.04
CA GLY A 385 -9.87 -2.53 -4.94
C GLY A 385 -11.29 -2.23 -5.39
N PRO A 386 -12.29 -2.55 -4.56
CA PRO A 386 -13.67 -2.26 -4.92
C PRO A 386 -13.95 -0.77 -4.82
N LEU A 387 -14.88 -0.30 -5.66
CA LEU A 387 -15.15 1.13 -5.69
C LEU A 387 -16.13 1.53 -4.60
N THR A 388 -17.08 0.65 -4.30
CA THR A 388 -18.00 0.81 -3.18
C THR A 388 -18.14 -0.52 -2.45
N VAL A 389 -18.60 -0.44 -1.22
CA VAL A 389 -18.96 -1.62 -0.44
C VAL A 389 -20.25 -1.27 0.30
N PRO A 390 -21.41 -1.51 -0.31
CA PRO A 390 -22.68 -1.16 0.33
C PRO A 390 -22.98 -2.12 1.46
N VAL A 391 -23.28 -1.58 2.64
CA VAL A 391 -23.55 -2.39 3.81
C VAL A 391 -24.78 -1.87 4.54
N THR A 392 -25.32 -2.73 5.40
CA THR A 392 -26.40 -2.35 6.29
C THR A 392 -26.28 -3.20 7.56
N TRP A 393 -27.19 -2.97 8.49
CA TRP A 393 -27.23 -3.78 9.71
C TRP A 393 -28.59 -3.66 10.39
CHA HEM B . 7.05 0.77 0.90
CHB HEM B . 2.99 -1.78 1.14
CHC HEM B . 1.08 1.40 4.22
CHD HEM B . 5.09 4.05 3.83
C1A HEM B . 6.13 -0.23 0.73
C2A HEM B . 6.35 -1.44 -0.04
C3A HEM B . 5.19 -2.15 0.01
C4A HEM B . 4.27 -1.39 0.83
CMA HEM B . 4.92 -3.46 -0.67
CAA HEM B . 7.61 -1.79 -0.76
CBA HEM B . 7.49 -1.64 -2.28
CGA HEM B . 8.66 -2.28 -3.01
O1A HEM B . 8.58 -2.39 -4.24
O2A HEM B . 9.63 -2.67 -2.34
C1B HEM B . 2.09 -1.15 1.96
C2B HEM B . 0.78 -1.67 2.34
C3B HEM B . 0.22 -0.68 3.19
C4B HEM B . 1.18 0.32 3.36
CMB HEM B . 0.18 -2.97 1.90
CAB HEM B . -1.00 -0.64 3.86
CBB HEM B . -1.78 -1.67 4.11
C1C HEM B . 2.01 2.40 4.46
C2C HEM B . 1.90 3.44 5.47
C3C HEM B . 3.06 4.25 5.27
C4C HEM B . 3.84 3.64 4.28
CMC HEM B . 0.81 3.60 6.50
CAC HEM B . 3.45 5.44 5.89
CBC HEM B . 2.84 6.12 6.82
C1D HEM B . 5.94 3.43 2.96
C2D HEM B . 7.18 3.99 2.45
C3D HEM B . 7.75 3.04 1.65
C4D HEM B . 6.84 1.92 1.61
CMD HEM B . 7.73 5.35 2.76
CAD HEM B . 9.07 3.09 0.94
CBD HEM B . 10.20 2.37 1.69
CGD HEM B . 11.52 2.33 0.93
O1D HEM B . 11.49 2.40 -0.30
O2D HEM B . 12.57 2.22 1.58
NA HEM B . 4.87 -0.23 1.26
NB HEM B . 2.27 0.08 2.54
NC HEM B . 3.19 2.53 3.80
ND HEM B . 5.73 2.18 2.40
FE HEM B . 4.12 1.05 2.70
#